data_5VT1
#
_entry.id   5VT1
#
_cell.length_a   100.454
_cell.length_b   100.454
_cell.length_c   69.674
_cell.angle_alpha   90.00
_cell.angle_beta   90.00
_cell.angle_gamma   120.00
#
_symmetry.space_group_name_H-M   'P 61'
#
loop_
_entity.id
_entity.type
_entity.pdbx_description
1 polymer 'Calcium/calmodulin-dependent protein kinase kinase 2'
2 non-polymer 4-({5-[(3-hydroxy-4-methylphenyl)amino]-4-oxo-4H-1,2,6-thiadiazin-3-yl}amino)benzamide
3 non-polymer 'MAGNESIUM ION'
4 water water
#
_entity_poly.entity_id   1
_entity_poly.type   'polypeptide(L)'
_entity_poly.pdbx_seq_one_letter_code
;SMQLNQYTLKDEIGKGSYGVVKLAYNENDNTYYAMKVLSKKKLIRQAGFPRRPPPRGTRPAPGGCIQPRGPIEQVYQEIA
ILKKLDHPNVVKLVEVLDDPNEDHLYMVFELVNQGPVMEVPTLKPLSEDQARFYFQDLIKGIEYLHYQKIIHRDIKPSNL
LVGEDGHIKIADFGVSNEFKGSDALLSNTVGTPAFMAPESLSETRKIFSGKALDVWAMGVTLYCFVFGQCPFMDERIMCL
HSKIKSQALEFPDQPDIAEDLKDLITRMLDKNPESRIVVPEIKLHPWVTRH
;
_entity_poly.pdbx_strand_id   A
#
loop_
_chem_comp.id
_chem_comp.type
_chem_comp.name
_chem_comp.formula
9JS non-polymer 4-({5-[(3-hydroxy-4-methylphenyl)amino]-4-oxo-4H-1,2,6-thiadiazin-3-yl}amino)benzamide 'C17 H15 N5 O3 S'
MG non-polymer 'MAGNESIUM ION' 'Mg 2'
#
# COMPACT_ATOMS: atom_id res chain seq x y z
N MET A 2 -27.78 -4.88 -11.66
CA MET A 2 -27.38 -4.02 -12.77
C MET A 2 -26.44 -4.78 -13.72
N GLN A 3 -26.69 -4.68 -15.04
CA GLN A 3 -25.86 -5.34 -16.06
C GLN A 3 -24.96 -4.30 -16.74
N LEU A 4 -23.67 -4.63 -16.85
CA LEU A 4 -22.72 -3.76 -17.52
C LEU A 4 -21.91 -4.62 -18.47
N ASN A 5 -22.16 -4.53 -19.78
CA ASN A 5 -21.43 -5.33 -20.76
C ASN A 5 -21.58 -6.84 -20.36
N GLN A 6 -20.52 -7.66 -20.22
CA GLN A 6 -20.67 -9.04 -19.85
C GLN A 6 -20.77 -9.24 -18.33
N TYR A 7 -20.74 -8.15 -17.58
CA TYR A 7 -20.77 -8.22 -16.12
C TYR A 7 -22.15 -7.98 -15.53
N THR A 8 -22.49 -8.76 -14.49
CA THR A 8 -23.66 -8.57 -13.65
C THR A 8 -23.14 -8.00 -12.34
N LEU A 9 -23.45 -6.75 -12.04
CA LEU A 9 -23.00 -6.10 -10.83
C LEU A 9 -23.83 -6.59 -9.64
N LYS A 10 -23.16 -6.94 -8.54
CA LYS A 10 -23.83 -7.41 -7.31
C LYS A 10 -23.58 -6.49 -6.11
N ASP A 11 -23.58 -7.00 -4.87
CA ASP A 11 -23.39 -6.12 -3.73
C ASP A 11 -22.02 -5.52 -3.53
N GLU A 12 -22.02 -4.45 -2.76
CA GLU A 12 -20.84 -3.76 -2.31
C GLU A 12 -20.05 -4.72 -1.43
N ILE A 13 -18.76 -4.86 -1.71
CA ILE A 13 -17.88 -5.76 -0.94
C ILE A 13 -16.69 -5.00 -0.28
N GLY A 14 -16.45 -3.77 -0.66
CA GLY A 14 -15.37 -3.02 -0.08
C GLY A 14 -15.28 -1.62 -0.63
N LYS A 15 -14.16 -0.96 -0.34
CA LYS A 15 -13.93 0.42 -0.78
C LYS A 15 -12.47 0.64 -1.11
N GLY A 16 -12.18 1.51 -2.07
CA GLY A 16 -10.82 1.95 -2.38
C GLY A 16 -10.58 3.21 -1.59
N SER A 17 -9.43 3.89 -1.78
CA SER A 17 -9.24 5.21 -1.14
C SER A 17 -10.30 6.16 -1.67
N TYR A 18 -10.73 5.91 -2.92
CA TYR A 18 -11.88 6.54 -3.60
C TYR A 18 -12.63 5.43 -4.31
N GLY A 19 -13.95 5.54 -4.37
CA GLY A 19 -14.77 4.56 -5.06
C GLY A 19 -15.18 3.38 -4.21
N VAL A 20 -16.21 2.68 -4.66
CA VAL A 20 -16.73 1.51 -3.98
C VAL A 20 -16.37 0.29 -4.79
N VAL A 21 -16.17 -0.82 -4.12
CA VAL A 21 -15.89 -2.08 -4.80
C VAL A 21 -17.11 -2.95 -4.69
N LYS A 22 -17.56 -3.50 -5.82
CA LYS A 22 -18.72 -4.37 -5.90
C LYS A 22 -18.33 -5.72 -6.49
N LEU A 23 -19.05 -6.74 -6.11
CA LEU A 23 -18.86 -8.06 -6.70
C LEU A 23 -19.45 -8.03 -8.11
N ALA A 24 -18.72 -8.59 -9.09
CA ALA A 24 -19.17 -8.59 -10.49
C ALA A 24 -19.02 -9.95 -11.11
N TYR A 25 -20.13 -10.55 -11.59
CA TYR A 25 -20.10 -11.86 -12.23
C TYR A 25 -19.84 -11.69 -13.72
N ASN A 26 -18.81 -12.33 -14.27
CA ASN A 26 -18.52 -12.25 -15.70
C ASN A 26 -19.26 -13.40 -16.38
N GLU A 27 -20.24 -13.07 -17.23
CA GLU A 27 -21.08 -14.09 -17.90
C GLU A 27 -20.29 -14.94 -18.94
N ASN A 28 -19.19 -14.40 -19.50
CA ASN A 28 -18.40 -15.09 -20.54
C ASN A 28 -17.52 -16.21 -19.96
N ASP A 29 -16.90 -16.02 -18.78
CA ASP A 29 -16.05 -17.07 -18.19
C ASP A 29 -16.61 -17.59 -16.85
N ASN A 30 -17.85 -17.21 -16.47
CA ASN A 30 -18.53 -17.64 -15.23
C ASN A 30 -17.63 -17.50 -13.97
N THR A 31 -16.81 -16.43 -13.94
CA THR A 31 -15.89 -16.09 -12.86
C THR A 31 -16.32 -14.79 -12.24
N TYR A 32 -16.11 -14.66 -10.94
CA TYR A 32 -16.39 -13.41 -10.24
C TYR A 32 -15.14 -12.55 -10.21
N TYR A 33 -15.35 -11.24 -10.26
CA TYR A 33 -14.30 -10.23 -10.23
C TYR A 33 -14.69 -9.14 -9.24
N ALA A 34 -13.73 -8.35 -8.87
CA ALA A 34 -13.97 -7.20 -8.01
C ALA A 34 -14.03 -6.00 -8.92
N MET A 35 -15.11 -5.22 -8.88
CA MET A 35 -15.24 -4.07 -9.76
C MET A 35 -15.30 -2.79 -8.94
N LYS A 36 -14.30 -1.92 -9.11
CA LYS A 36 -14.25 -0.64 -8.41
C LYS A 36 -15.05 0.37 -9.25
N VAL A 37 -16.13 0.93 -8.69
CA VAL A 37 -17.04 1.86 -9.36
C VAL A 37 -16.73 3.26 -8.85
N LEU A 38 -16.42 4.18 -9.77
CA LEU A 38 -16.04 5.55 -9.41
C LEU A 38 -16.89 6.53 -10.17
N SER A 39 -17.31 7.61 -9.49
CA SER A 39 -18.04 8.71 -10.10
C SER A 39 -17.05 9.81 -10.40
N LYS A 40 -16.94 10.22 -11.66
CA LYS A 40 -16.03 11.30 -12.04
C LYS A 40 -16.43 12.59 -11.35
N LYS A 41 -17.75 12.86 -11.23
CA LYS A 41 -18.25 14.07 -10.57
C LYS A 41 -17.85 14.08 -9.08
N LYS A 42 -17.97 12.95 -8.39
CA LYS A 42 -17.63 12.84 -6.98
C LYS A 42 -16.12 13.02 -6.79
N LEU A 43 -15.29 12.44 -7.69
CA LEU A 43 -13.83 12.60 -7.61
C LEU A 43 -13.44 14.05 -7.78
N ILE A 44 -14.08 14.75 -8.72
CA ILE A 44 -13.78 16.17 -8.97
C ILE A 44 -14.14 17.01 -7.75
N ARG A 45 -15.29 16.74 -7.12
CA ARG A 45 -15.73 17.50 -5.93
C ARG A 45 -14.83 17.19 -4.73
N GLN A 46 -14.27 15.98 -4.66
CA GLN A 46 -13.39 15.58 -3.55
C GLN A 46 -12.03 16.32 -3.61
N ALA A 47 -11.68 16.96 -4.75
CA ALA A 47 -10.47 17.78 -4.84
C ALA A 47 -10.69 19.08 -4.10
N ARG A 69 -1.89 16.51 -7.17
CA ARG A 69 -2.65 15.45 -7.84
C ARG A 69 -3.98 15.22 -7.08
N GLY A 70 -5.12 15.56 -7.68
CA GLY A 70 -6.41 15.36 -7.03
C GLY A 70 -6.91 13.95 -7.21
N PRO A 71 -8.04 13.59 -6.61
CA PRO A 71 -8.54 12.21 -6.71
C PRO A 71 -8.74 11.68 -8.13
N ILE A 72 -9.24 12.50 -9.08
CA ILE A 72 -9.44 11.95 -10.42
C ILE A 72 -8.10 11.72 -11.12
N GLU A 73 -7.09 12.53 -10.82
CA GLU A 73 -5.76 12.35 -11.43
C GLU A 73 -5.10 11.11 -10.79
N GLN A 74 -5.40 10.83 -9.52
CA GLN A 74 -4.90 9.64 -8.84
C GLN A 74 -5.45 8.37 -9.49
N VAL A 75 -6.74 8.36 -9.81
CA VAL A 75 -7.37 7.21 -10.47
C VAL A 75 -6.74 6.95 -11.83
N TYR A 76 -6.55 7.98 -12.65
CA TYR A 76 -5.98 7.77 -14.00
C TYR A 76 -4.49 7.39 -13.96
N GLN A 77 -3.76 7.85 -12.92
CA GLN A 77 -2.36 7.40 -12.69
C GLN A 77 -2.35 5.89 -12.43
N GLU A 78 -3.20 5.45 -11.52
CA GLU A 78 -3.31 4.04 -11.16
C GLU A 78 -3.65 3.20 -12.40
N ILE A 79 -4.60 3.65 -13.22
CA ILE A 79 -4.95 2.93 -14.45
C ILE A 79 -3.69 2.77 -15.31
N ALA A 80 -2.96 3.88 -15.53
CA ALA A 80 -1.77 3.90 -16.37
C ALA A 80 -0.65 3.02 -15.79
N ILE A 81 -0.44 3.04 -14.45
CA ILE A 81 0.59 2.21 -13.85
C ILE A 81 0.18 0.73 -13.92
N LEU A 82 -1.03 0.38 -13.51
CA LEU A 82 -1.45 -1.03 -13.46
C LEU A 82 -1.49 -1.72 -14.84
N LYS A 83 -1.73 -0.96 -15.93
CA LYS A 83 -1.70 -1.52 -17.28
C LYS A 83 -0.28 -1.98 -17.72
N LYS A 84 0.77 -1.45 -17.09
CA LYS A 84 2.18 -1.77 -17.40
C LYS A 84 2.78 -2.83 -16.47
N LEU A 85 2.08 -3.24 -15.41
CA LEU A 85 2.68 -4.18 -14.45
C LEU A 85 2.19 -5.62 -14.52
N ASP A 86 3.07 -6.57 -14.21
CA ASP A 86 2.74 -7.98 -14.19
C ASP A 86 3.64 -8.70 -13.17
N HIS A 87 3.16 -8.93 -11.96
CA HIS A 87 3.96 -9.61 -10.94
C HIS A 87 3.00 -10.33 -9.97
N PRO A 88 3.44 -11.47 -9.41
CA PRO A 88 2.50 -12.17 -8.50
C PRO A 88 2.19 -11.40 -7.22
N ASN A 89 2.97 -10.35 -6.85
CA ASN A 89 2.69 -9.57 -5.65
C ASN A 89 2.13 -8.18 -5.95
N VAL A 90 1.51 -7.99 -7.13
CA VAL A 90 0.86 -6.73 -7.53
C VAL A 90 -0.53 -7.10 -7.97
N VAL A 91 -1.54 -6.40 -7.47
CA VAL A 91 -2.92 -6.71 -7.87
C VAL A 91 -3.07 -6.60 -9.42
N LYS A 92 -3.90 -7.46 -10.01
CA LYS A 92 -4.11 -7.50 -11.47
C LYS A 92 -5.33 -6.73 -11.89
N LEU A 93 -5.13 -5.72 -12.74
CA LEU A 93 -6.20 -4.96 -13.36
C LEU A 93 -6.54 -5.68 -14.66
N VAL A 94 -7.75 -6.24 -14.75
CA VAL A 94 -8.17 -7.02 -15.91
C VAL A 94 -8.77 -6.15 -17.01
N GLU A 95 -9.58 -5.15 -16.65
CA GLU A 95 -10.27 -4.33 -17.65
C GLU A 95 -10.70 -3.02 -17.06
N VAL A 96 -10.78 -1.97 -17.90
CA VAL A 96 -11.26 -0.65 -17.54
C VAL A 96 -12.39 -0.31 -18.48
N LEU A 97 -13.59 -0.01 -17.95
CA LEU A 97 -14.72 0.43 -18.76
C LEU A 97 -14.86 1.92 -18.49
N ASP A 98 -14.57 2.75 -19.49
CA ASP A 98 -14.62 4.19 -19.34
C ASP A 98 -15.07 4.90 -20.63
N ASP A 99 -16.34 5.28 -20.66
CA ASP A 99 -16.91 6.05 -21.75
C ASP A 99 -16.67 7.55 -21.40
N PRO A 100 -15.95 8.32 -22.24
CA PRO A 100 -15.71 9.76 -21.88
C PRO A 100 -16.97 10.64 -21.69
N ASN A 101 -18.13 10.25 -22.20
CA ASN A 101 -19.36 11.04 -21.98
C ASN A 101 -20.21 10.57 -20.78
N GLU A 102 -19.73 9.56 -20.03
CA GLU A 102 -20.43 9.02 -18.86
C GLU A 102 -19.71 9.39 -17.57
N ASP A 103 -20.47 9.61 -16.51
CA ASP A 103 -19.90 9.99 -15.22
C ASP A 103 -19.17 8.83 -14.55
N HIS A 104 -19.58 7.59 -14.77
CA HIS A 104 -18.95 6.48 -14.09
C HIS A 104 -17.86 5.77 -14.89
N LEU A 105 -16.83 5.29 -14.19
CA LEU A 105 -15.78 4.52 -14.82
C LEU A 105 -15.66 3.26 -13.94
N TYR A 106 -15.36 2.13 -14.57
CA TYR A 106 -15.28 0.88 -13.85
C TYR A 106 -13.95 0.20 -14.02
N MET A 107 -13.36 -0.22 -12.90
CA MET A 107 -12.07 -0.93 -12.95
C MET A 107 -12.28 -2.34 -12.43
N VAL A 108 -11.97 -3.34 -13.27
CA VAL A 108 -12.18 -4.75 -12.96
C VAL A 108 -10.88 -5.38 -12.56
N PHE A 109 -10.85 -5.97 -11.37
CA PHE A 109 -9.68 -6.62 -10.83
C PHE A 109 -9.94 -8.10 -10.58
N GLU A 110 -8.87 -8.88 -10.52
CA GLU A 110 -8.98 -10.28 -10.17
C GLU A 110 -9.49 -10.32 -8.72
N LEU A 111 -10.43 -11.20 -8.44
CA LEU A 111 -10.98 -11.31 -7.11
C LEU A 111 -9.90 -11.81 -6.13
N VAL A 112 -9.85 -11.23 -4.94
CA VAL A 112 -8.89 -11.59 -3.90
C VAL A 112 -9.69 -11.79 -2.59
N ASN A 113 -9.02 -12.02 -1.46
CA ASN A 113 -9.73 -12.15 -0.19
C ASN A 113 -10.46 -10.84 0.17
N GLN A 114 -11.59 -10.94 0.84
CA GLN A 114 -12.35 -9.74 1.19
C GLN A 114 -11.56 -8.86 2.18
N GLY A 115 -10.85 -9.50 3.10
CA GLY A 115 -10.03 -8.76 4.02
C GLY A 115 -8.62 -8.59 3.48
N PRO A 116 -7.92 -7.52 3.90
CA PRO A 116 -6.52 -7.30 3.50
C PRO A 116 -5.55 -8.09 4.44
N VAL A 117 -4.26 -7.84 4.38
CA VAL A 117 -3.28 -8.58 5.17
C VAL A 117 -3.63 -8.53 6.68
N MET A 118 -4.13 -7.40 7.15
CA MET A 118 -4.60 -7.34 8.52
C MET A 118 -5.44 -6.10 8.70
N GLU A 119 -6.22 -6.06 9.76
CA GLU A 119 -7.03 -4.89 10.07
C GLU A 119 -6.27 -4.06 11.12
N VAL A 120 -6.18 -2.74 10.94
CA VAL A 120 -5.46 -1.90 11.90
C VAL A 120 -6.36 -0.76 12.46
N PRO A 121 -6.44 -0.54 13.79
CA PRO A 121 -5.92 -1.21 14.98
C PRO A 121 -6.63 -2.52 15.21
N THR A 122 -5.92 -3.43 15.83
CA THR A 122 -6.45 -4.73 16.19
C THR A 122 -5.82 -5.21 17.47
N LEU A 123 -6.63 -5.91 18.24
CA LEU A 123 -6.16 -6.64 19.40
C LEU A 123 -5.53 -8.02 18.99
N LYS A 124 -5.67 -8.52 17.75
CA LYS A 124 -5.10 -9.79 17.37
C LYS A 124 -4.13 -9.57 16.20
N PRO A 125 -2.90 -9.14 16.52
CA PRO A 125 -1.90 -8.94 15.47
C PRO A 125 -1.33 -10.26 14.98
N LEU A 126 -0.59 -10.17 13.88
CA LEU A 126 0.03 -11.36 13.31
C LEU A 126 1.10 -11.96 14.23
N SER A 127 1.26 -13.29 14.13
CA SER A 127 2.34 -13.96 14.82
C SER A 127 3.61 -13.63 14.04
N GLU A 128 4.75 -13.85 14.66
CA GLU A 128 6.01 -13.58 13.98
C GLU A 128 6.21 -14.42 12.71
N ASP A 129 5.82 -15.71 12.67
CA ASP A 129 5.98 -16.50 11.42
C ASP A 129 5.11 -15.95 10.28
N GLN A 130 3.88 -15.57 10.60
CA GLN A 130 2.98 -15.03 9.59
C GLN A 130 3.45 -13.68 9.11
N ALA A 131 3.93 -12.84 10.03
CA ALA A 131 4.45 -11.52 9.68
C ALA A 131 5.65 -11.67 8.76
N ARG A 132 6.53 -12.64 9.02
CA ARG A 132 7.68 -12.87 8.17
C ARG A 132 7.28 -13.30 6.77
N PHE A 133 6.36 -14.23 6.67
CA PHE A 133 5.84 -14.70 5.39
C PHE A 133 5.29 -13.53 4.54
N TYR A 134 4.38 -12.72 5.09
CA TYR A 134 3.83 -11.56 4.36
C TYR A 134 4.86 -10.49 4.09
N PHE A 135 5.79 -10.27 5.02
CA PHE A 135 6.85 -9.28 4.83
C PHE A 135 7.77 -9.71 3.69
N GLN A 136 8.07 -11.02 3.55
CA GLN A 136 8.87 -11.53 2.41
C GLN A 136 8.15 -11.27 1.06
N ASP A 137 6.82 -11.39 1.02
CA ASP A 137 6.08 -11.04 -0.19
C ASP A 137 6.19 -9.55 -0.49
N LEU A 138 6.02 -8.71 0.54
CA LEU A 138 6.09 -7.26 0.44
C LEU A 138 7.46 -6.86 -0.12
N ILE A 139 8.55 -7.44 0.38
CA ILE A 139 9.90 -7.22 -0.15
C ILE A 139 9.95 -7.49 -1.66
N LYS A 140 9.47 -8.66 -2.08
CA LYS A 140 9.50 -9.03 -3.50
C LYS A 140 8.71 -8.07 -4.35
N GLY A 141 7.53 -7.68 -3.89
CA GLY A 141 6.69 -6.74 -4.60
C GLY A 141 7.31 -5.37 -4.75
N ILE A 142 7.91 -4.85 -3.65
CA ILE A 142 8.50 -3.52 -3.64
C ILE A 142 9.78 -3.53 -4.46
N GLU A 143 10.57 -4.59 -4.39
CA GLU A 143 11.76 -4.74 -5.22
C GLU A 143 11.37 -4.70 -6.73
N TYR A 144 10.30 -5.40 -7.09
CA TYR A 144 9.78 -5.36 -8.47
C TYR A 144 9.37 -3.92 -8.86
N LEU A 145 8.58 -3.27 -8.03
CA LEU A 145 8.17 -1.91 -8.33
C LEU A 145 9.38 -0.98 -8.50
N HIS A 146 10.32 -1.03 -7.56
CA HIS A 146 11.52 -0.22 -7.66
C HIS A 146 12.31 -0.58 -8.92
N TYR A 147 12.43 -1.87 -9.24
CA TYR A 147 13.07 -2.32 -10.47
C TYR A 147 12.33 -1.77 -11.70
N GLN A 148 10.99 -1.69 -11.66
CA GLN A 148 10.21 -1.07 -12.73
C GLN A 148 10.14 0.48 -12.69
N LYS A 149 11.01 1.09 -11.88
CA LYS A 149 11.08 2.53 -11.66
C LYS A 149 9.80 3.22 -11.15
N ILE A 150 9.13 2.60 -10.18
CA ILE A 150 7.92 3.15 -9.58
C ILE A 150 8.07 3.22 -8.05
N ILE A 151 7.76 4.37 -7.44
CA ILE A 151 7.76 4.51 -6.00
C ILE A 151 6.27 4.44 -5.65
N HIS A 152 5.89 3.50 -4.81
CA HIS A 152 4.47 3.34 -4.48
C HIS A 152 3.83 4.52 -3.72
N ARG A 153 4.47 4.90 -2.63
CA ARG A 153 4.08 6.03 -1.80
C ARG A 153 2.83 5.87 -0.90
N ASP A 154 2.15 4.73 -0.91
CA ASP A 154 1.04 4.52 -0.01
C ASP A 154 1.06 3.09 0.54
N ILE A 155 2.22 2.59 0.96
CA ILE A 155 2.30 1.25 1.46
C ILE A 155 1.77 1.25 2.87
N LYS A 156 0.78 0.40 3.10
CA LYS A 156 0.18 0.23 4.41
C LYS A 156 -0.62 -1.08 4.38
N PRO A 157 -1.00 -1.61 5.56
CA PRO A 157 -1.70 -2.91 5.54
C PRO A 157 -2.99 -2.94 4.72
N SER A 158 -3.80 -1.89 4.76
CA SER A 158 -5.04 -1.86 4.01
C SER A 158 -4.83 -1.84 2.48
N ASN A 159 -3.60 -1.54 1.98
CA ASN A 159 -3.29 -1.59 0.55
C ASN A 159 -2.55 -2.87 0.20
N LEU A 160 -2.48 -3.83 1.14
CA LEU A 160 -1.85 -5.13 0.92
C LEU A 160 -2.93 -6.17 0.96
N LEU A 161 -3.43 -6.51 -0.24
CA LEU A 161 -4.47 -7.52 -0.41
C LEU A 161 -3.87 -8.93 -0.30
N VAL A 162 -4.69 -9.94 -0.07
CA VAL A 162 -4.26 -11.33 0.01
C VAL A 162 -5.01 -12.12 -1.06
N GLY A 163 -4.28 -12.73 -1.98
CA GLY A 163 -4.86 -13.53 -3.06
C GLY A 163 -5.21 -14.95 -2.70
N GLU A 164 -5.81 -15.65 -3.68
CA GLU A 164 -6.18 -17.07 -3.55
C GLU A 164 -5.01 -17.94 -3.12
N ASP A 165 -3.81 -17.64 -3.65
CA ASP A 165 -2.52 -18.33 -3.31
C ASP A 165 -2.07 -18.10 -1.84
N GLY A 166 -2.68 -17.11 -1.17
CA GLY A 166 -2.31 -16.76 0.19
C GLY A 166 -1.16 -15.77 0.18
N HIS A 167 -0.79 -15.25 -0.97
CA HIS A 167 0.28 -14.28 -1.08
C HIS A 167 -0.22 -12.82 -1.25
N ILE A 168 0.56 -11.85 -0.76
CA ILE A 168 0.25 -10.44 -0.81
C ILE A 168 0.12 -9.87 -2.23
N LYS A 169 -0.87 -9.01 -2.48
CA LYS A 169 -0.97 -8.32 -3.75
C LYS A 169 -1.08 -6.83 -3.40
N ILE A 170 -0.09 -6.07 -3.85
CA ILE A 170 0.00 -4.66 -3.59
C ILE A 170 -1.01 -3.94 -4.45
N ALA A 171 -1.70 -2.98 -3.84
CA ALA A 171 -2.76 -2.21 -4.47
C ALA A 171 -2.62 -0.69 -4.20
N ASP A 172 -3.51 0.10 -4.81
CA ASP A 172 -3.54 1.56 -4.69
C ASP A 172 -2.31 2.35 -5.18
N PHE A 173 -2.19 2.53 -6.49
CA PHE A 173 -1.09 3.24 -7.11
C PHE A 173 -1.40 4.73 -7.41
N GLY A 174 -2.42 5.28 -6.76
CA GLY A 174 -2.84 6.65 -6.98
C GLY A 174 -1.83 7.73 -6.74
N VAL A 175 -0.99 7.60 -5.72
CA VAL A 175 -0.01 8.63 -5.41
C VAL A 175 1.41 8.19 -5.78
N SER A 176 1.55 7.12 -6.58
CA SER A 176 2.84 6.64 -7.00
C SER A 176 3.57 7.63 -7.92
N ASN A 177 4.89 7.48 -7.96
CA ASN A 177 5.75 8.30 -8.80
C ASN A 177 6.65 7.43 -9.63
N GLU A 178 6.79 7.62 -10.98
CA GLU A 178 7.70 6.94 -11.82
C GLU A 178 8.92 7.81 -11.93
N PHE A 179 10.03 7.18 -12.25
CA PHE A 179 11.25 7.92 -12.37
C PHE A 179 12.14 7.38 -13.44
N LYS A 180 13.09 8.20 -13.84
CA LYS A 180 14.10 7.84 -14.80
C LYS A 180 15.37 7.82 -13.99
N GLY A 181 16.25 6.89 -14.27
CA GLY A 181 17.47 6.85 -13.51
C GLY A 181 17.40 5.90 -12.34
N SER A 182 18.36 6.05 -11.44
CA SER A 182 18.50 5.19 -10.28
C SER A 182 17.51 5.32 -9.12
N ASP A 183 16.84 6.49 -8.86
CA ASP A 183 15.89 6.76 -7.77
C ASP A 183 15.02 7.98 -8.11
N ALA A 184 13.94 8.17 -7.37
CA ALA A 184 13.13 9.35 -7.54
C ALA A 184 13.56 10.36 -6.48
N LEU A 185 13.91 11.56 -6.91
CA LEU A 185 14.33 12.65 -6.03
C LEU A 185 13.13 13.56 -5.92
N LEU A 186 12.43 13.46 -4.80
CA LEU A 186 11.18 14.16 -4.65
C LEU A 186 11.11 15.22 -3.56
N SER A 187 10.22 16.18 -3.74
CA SER A 187 9.97 17.21 -2.76
C SER A 187 8.51 17.37 -2.26
N ASN A 188 7.55 16.55 -2.69
CA ASN A 188 6.17 16.72 -2.26
C ASN A 188 5.77 15.71 -1.21
N THR A 189 4.78 16.09 -0.42
CA THR A 189 4.27 15.25 0.67
C THR A 189 2.93 14.68 0.28
N VAL A 190 2.86 13.37 -0.01
CA VAL A 190 1.62 12.67 -0.36
C VAL A 190 1.60 11.34 0.38
N GLY A 191 0.42 10.75 0.51
CA GLY A 191 0.25 9.45 1.15
C GLY A 191 -0.63 9.49 2.37
N THR A 192 -0.50 8.47 3.22
CA THR A 192 -1.31 8.34 4.43
C THR A 192 -0.49 8.93 5.55
N PRO A 193 -1.01 9.92 6.30
CA PRO A 193 -0.21 10.59 7.34
C PRO A 193 0.56 9.70 8.29
N ALA A 194 -0.08 8.68 8.86
CA ALA A 194 0.61 7.77 9.80
C ALA A 194 1.82 7.01 9.20
N PHE A 195 1.94 6.92 7.86
CA PHE A 195 2.96 6.17 7.15
C PHE A 195 3.97 7.05 6.43
N MET A 196 3.84 8.38 6.56
CA MET A 196 4.73 9.31 5.86
C MET A 196 6.09 9.44 6.60
N ALA A 197 7.20 9.42 5.84
CA ALA A 197 8.53 9.48 6.42
C ALA A 197 8.84 10.92 6.93
N PRO A 198 9.59 11.02 8.04
CA PRO A 198 9.87 12.33 8.66
C PRO A 198 10.53 13.33 7.74
N GLU A 199 11.43 12.88 6.83
CA GLU A 199 12.07 13.79 5.86
C GLU A 199 11.05 14.45 4.91
N SER A 200 9.85 13.87 4.72
CA SER A 200 8.82 14.47 3.87
C SER A 200 7.91 15.50 4.64
N LEU A 201 8.10 15.64 5.96
CA LEU A 201 7.29 16.48 6.82
C LEU A 201 8.03 17.67 7.41
N SER A 202 9.28 17.88 7.00
CA SER A 202 10.10 18.98 7.49
C SER A 202 10.63 19.82 6.36
N LYS A 206 12.89 20.52 1.02
CA LYS A 206 13.97 19.53 0.91
C LYS A 206 13.74 18.59 -0.27
N ILE A 207 14.78 17.84 -0.61
CA ILE A 207 14.73 16.81 -1.65
C ILE A 207 15.02 15.48 -0.95
N PHE A 208 14.27 14.43 -1.29
CA PHE A 208 14.46 13.15 -0.62
C PHE A 208 14.23 12.00 -1.57
N SER A 209 14.89 10.88 -1.21
CA SER A 209 14.85 9.63 -1.95
C SER A 209 13.46 8.98 -1.87
N GLY A 210 12.90 8.63 -3.01
CA GLY A 210 11.63 7.93 -3.03
C GLY A 210 11.71 6.51 -2.49
N LYS A 211 12.76 5.81 -2.80
CA LYS A 211 12.91 4.44 -2.30
C LYS A 211 12.93 4.41 -0.79
N ALA A 212 13.61 5.39 -0.15
CA ALA A 212 13.67 5.41 1.30
C ALA A 212 12.32 5.75 1.93
N LEU A 213 11.46 6.49 1.22
CA LEU A 213 10.07 6.72 1.70
C LEU A 213 9.29 5.42 1.77
N ASP A 214 9.42 4.59 0.72
CA ASP A 214 8.76 3.29 0.71
C ASP A 214 9.35 2.39 1.82
N VAL A 215 10.64 2.43 2.04
CA VAL A 215 11.23 1.62 3.12
C VAL A 215 10.61 2.03 4.46
N TRP A 216 10.54 3.35 4.78
CA TRP A 216 9.92 3.80 6.03
C TRP A 216 8.48 3.24 6.16
N ALA A 217 7.66 3.36 5.10
CA ALA A 217 6.29 2.87 5.16
C ALA A 217 6.23 1.38 5.34
N MET A 218 7.22 0.65 4.77
CA MET A 218 7.31 -0.80 4.98
C MET A 218 7.61 -1.07 6.47
N GLY A 219 8.38 -0.19 7.12
CA GLY A 219 8.71 -0.29 8.54
C GLY A 219 7.51 -0.07 9.45
N VAL A 220 6.72 0.97 9.13
CA VAL A 220 5.48 1.27 9.86
C VAL A 220 4.50 0.07 9.68
N THR A 221 4.47 -0.50 8.47
CA THR A 221 3.65 -1.68 8.16
C THR A 221 4.08 -2.88 8.99
N LEU A 222 5.37 -3.17 9.03
CA LEU A 222 5.85 -4.31 9.79
C LEU A 222 5.57 -4.14 11.28
N TYR A 223 5.74 -2.93 11.80
CA TYR A 223 5.41 -2.65 13.17
C TYR A 223 3.91 -2.97 13.39
N CYS A 224 3.06 -2.53 12.47
CA CYS A 224 1.63 -2.83 12.54
C CYS A 224 1.36 -4.34 12.52
N PHE A 225 2.09 -5.12 11.71
CA PHE A 225 1.87 -6.55 11.64
C PHE A 225 1.99 -7.22 13.00
N VAL A 226 3.02 -6.90 13.78
CA VAL A 226 3.21 -7.55 15.07
C VAL A 226 2.64 -6.85 16.33
N PHE A 227 2.33 -5.56 16.27
CA PHE A 227 1.78 -4.85 17.44
C PHE A 227 0.30 -4.50 17.27
N GLY A 228 -0.23 -4.52 16.05
CA GLY A 228 -1.63 -4.25 15.81
C GLY A 228 -2.01 -2.77 15.89
N GLN A 229 -1.02 -1.89 15.89
CA GLN A 229 -1.22 -0.44 15.98
C GLN A 229 -0.03 0.25 15.36
N CYS A 230 -0.21 1.50 14.95
CA CYS A 230 0.88 2.28 14.37
C CYS A 230 1.86 2.73 15.48
N PRO A 231 3.14 2.89 15.14
CA PRO A 231 4.11 3.34 16.14
C PRO A 231 3.92 4.81 16.54
N PHE A 232 3.41 5.63 15.62
CA PHE A 232 3.15 7.06 15.85
C PHE A 232 1.70 7.34 15.62
N MET A 233 0.99 7.76 16.65
CA MET A 233 -0.43 8.03 16.52
C MET A 233 -0.91 9.30 17.22
N ASP A 234 -1.75 10.09 16.55
CA ASP A 234 -2.41 11.24 17.17
C ASP A 234 -3.63 11.58 16.31
N GLU A 235 -4.71 12.02 16.94
CA GLU A 235 -5.90 12.45 16.24
C GLU A 235 -5.63 13.77 15.51
N ARG A 236 -4.76 14.59 16.09
CA ARG A 236 -4.42 15.89 15.53
C ARG A 236 -3.26 15.70 14.57
N ILE A 237 -3.49 15.96 13.26
CA ILE A 237 -2.49 15.77 12.19
C ILE A 237 -1.13 16.47 12.54
N MET A 238 -1.13 17.70 13.09
CA MET A 238 0.12 18.43 13.47
C MET A 238 0.89 17.65 14.50
N CYS A 239 0.18 17.11 15.49
CA CYS A 239 0.82 16.34 16.55
C CYS A 239 1.33 15.01 15.99
N LEU A 240 0.57 14.39 15.08
CA LEU A 240 1.04 13.16 14.45
C LEU A 240 2.34 13.44 13.71
N HIS A 241 2.39 14.49 12.91
CA HIS A 241 3.61 14.84 12.18
C HIS A 241 4.77 15.10 13.12
N SER A 242 4.56 15.85 14.21
CA SER A 242 5.67 16.12 15.15
C SER A 242 6.14 14.83 15.83
N LYS A 243 5.23 13.88 16.08
CA LYS A 243 5.63 12.58 16.65
C LYS A 243 6.46 11.78 15.68
N ILE A 244 6.06 11.72 14.41
CA ILE A 244 6.84 11.04 13.38
C ILE A 244 8.25 11.64 13.33
N LYS A 245 8.36 12.97 13.36
CA LYS A 245 9.68 13.60 13.30
C LYS A 245 10.49 13.54 14.58
N SER A 246 9.85 13.51 15.75
CA SER A 246 10.58 13.70 17.01
C SER A 246 10.34 12.67 18.12
N GLN A 247 9.34 11.78 17.99
CA GLN A 247 9.10 10.83 19.06
C GLN A 247 10.00 9.63 18.82
N ALA A 248 10.83 9.30 19.82
CA ALA A 248 11.74 8.17 19.69
C ALA A 248 10.94 6.87 19.64
N LEU A 249 11.37 5.94 18.82
CA LEU A 249 10.66 4.69 18.65
C LEU A 249 10.73 3.91 19.96
N GLU A 250 9.58 3.46 20.47
CA GLU A 250 9.54 2.65 21.70
C GLU A 250 8.66 1.43 21.42
N PHE A 251 9.08 0.25 21.89
CA PHE A 251 8.32 -0.97 21.64
C PHE A 251 7.47 -1.25 22.84
N PRO A 252 6.18 -1.61 22.65
CA PRO A 252 5.37 -2.01 23.81
C PRO A 252 5.91 -3.27 24.49
N ASP A 253 5.58 -3.42 25.79
CA ASP A 253 6.02 -4.59 26.56
C ASP A 253 5.34 -5.86 26.03
N GLN A 254 4.10 -5.76 25.48
CA GLN A 254 3.39 -6.91 24.93
C GLN A 254 2.83 -6.63 23.51
N PRO A 255 2.86 -7.60 22.62
CA PRO A 255 3.46 -8.93 22.76
C PRO A 255 4.97 -8.85 22.74
N ASP A 256 5.61 -9.83 23.33
CA ASP A 256 7.05 -9.88 23.32
C ASP A 256 7.44 -10.33 21.92
N ILE A 257 8.37 -9.62 21.28
CA ILE A 257 8.80 -9.98 19.95
C ILE A 257 10.32 -10.18 20.00
N ALA A 258 10.83 -11.01 19.10
CA ALA A 258 12.26 -11.33 19.07
C ALA A 258 13.12 -10.08 18.89
N GLU A 259 14.33 -10.13 19.42
CA GLU A 259 15.26 -9.01 19.31
C GLU A 259 15.64 -8.70 17.87
N ASP A 260 15.87 -9.72 17.03
CA ASP A 260 16.20 -9.44 15.64
C ASP A 260 15.07 -8.68 14.92
N LEU A 261 13.80 -9.02 15.17
CA LEU A 261 12.71 -8.28 14.58
C LEU A 261 12.73 -6.82 15.05
N LYS A 262 12.93 -6.59 16.35
CA LYS A 262 13.03 -5.21 16.89
C LYS A 262 14.14 -4.44 16.20
N ASP A 263 15.28 -5.13 15.99
CA ASP A 263 16.45 -4.55 15.32
C ASP A 263 16.08 -4.13 13.88
N LEU A 264 15.40 -5.00 13.13
CA LEU A 264 15.01 -4.66 11.75
C LEU A 264 14.07 -3.45 11.71
N ILE A 265 13.07 -3.46 12.55
CA ILE A 265 12.10 -2.36 12.61
C ILE A 265 12.81 -1.04 12.94
N THR A 266 13.75 -1.07 13.88
CA THR A 266 14.51 0.14 14.30
C THR A 266 15.27 0.70 13.10
N ARG A 267 15.87 -0.17 12.31
CA ARG A 267 16.64 0.25 11.12
C ARG A 267 15.74 0.81 10.01
N MET A 268 14.53 0.27 9.85
CA MET A 268 13.59 0.75 8.82
C MET A 268 12.95 2.05 9.25
N LEU A 269 12.85 2.27 10.58
CA LEU A 269 12.24 3.46 11.17
C LEU A 269 13.30 4.42 11.70
N ASP A 270 14.50 4.35 11.10
CA ASP A 270 15.53 5.34 11.32
C ASP A 270 14.99 6.63 10.73
N LYS A 271 14.91 7.69 11.53
CA LYS A 271 14.38 8.98 11.07
C LYS A 271 15.28 9.67 10.04
N ASN A 272 16.58 9.32 9.98
CA ASN A 272 17.49 9.88 9.03
C ASN A 272 17.52 8.99 7.79
N PRO A 273 17.00 9.43 6.61
CA PRO A 273 16.96 8.53 5.44
C PRO A 273 18.35 8.11 4.95
N GLU A 274 19.37 8.88 5.27
CA GLU A 274 20.75 8.56 4.91
C GLU A 274 21.18 7.22 5.53
N SER A 275 20.87 7.01 6.80
CA SER A 275 21.29 5.81 7.53
C SER A 275 20.21 4.71 7.57
N ARG A 276 19.00 4.97 7.02
CA ARG A 276 17.95 4.00 7.01
C ARG A 276 18.38 2.81 6.13
N ILE A 277 18.05 1.63 6.59
CA ILE A 277 18.34 0.41 5.86
C ILE A 277 17.71 0.46 4.46
N VAL A 278 18.38 -0.14 3.49
CA VAL A 278 17.90 -0.19 2.11
C VAL A 278 17.40 -1.61 1.81
N VAL A 279 16.61 -1.76 0.76
CA VAL A 279 16.00 -3.06 0.47
C VAL A 279 17.02 -4.20 0.26
N PRO A 280 18.15 -3.97 -0.44
CA PRO A 280 19.10 -5.08 -0.56
C PRO A 280 19.62 -5.56 0.79
N GLU A 281 19.71 -4.66 1.76
CA GLU A 281 20.20 -4.96 3.11
C GLU A 281 19.09 -5.63 3.92
N ILE A 282 17.83 -5.25 3.69
CA ILE A 282 16.70 -5.92 4.36
C ILE A 282 16.72 -7.40 3.98
N LYS A 283 16.99 -7.71 2.70
CA LYS A 283 17.01 -9.09 2.23
C LYS A 283 18.07 -9.96 2.92
N LEU A 284 19.14 -9.37 3.46
CA LEU A 284 20.16 -10.09 4.19
C LEU A 284 20.05 -9.92 5.72
N HIS A 285 18.97 -9.31 6.20
CA HIS A 285 18.80 -9.14 7.62
C HIS A 285 18.50 -10.52 8.24
N PRO A 286 19.08 -10.84 9.40
CA PRO A 286 18.85 -12.19 10.00
C PRO A 286 17.41 -12.56 10.32
N TRP A 287 16.52 -11.60 10.61
CA TRP A 287 15.10 -11.95 10.86
C TRP A 287 14.45 -12.41 9.56
N VAL A 288 14.85 -11.82 8.44
CA VAL A 288 14.31 -12.15 7.11
C VAL A 288 14.87 -13.49 6.58
N THR A 289 16.17 -13.75 6.78
CA THR A 289 16.82 -14.95 6.25
C THR A 289 16.69 -16.20 7.13
N ARG A 290 16.36 -16.06 8.43
CA ARG A 290 16.21 -17.26 9.28
C ARG A 290 14.85 -17.94 9.04
C4 9JS B . -14.14 -12.07 -1.70
C14 9JS B . -8.89 -2.48 -4.44
C5 9JS B . -15.18 -12.81 -1.17
C6 9JS B . -16.36 -12.20 -0.74
C11 9JS B . -10.07 -5.01 -4.23
C7 9JS B . -17.48 -13.03 -0.17
C8 9JS B . -12.90 -8.65 -2.45
C9 9JS B . -11.56 -6.80 -3.32
C10 9JS B . -11.92 -8.16 -3.35
C12 9JS B . -9.84 -4.23 -3.08
C13 9JS B . -9.26 -2.98 -3.20
N1 9JS B . -13.19 -9.99 -2.44
N2 9JS B . -13.55 -7.89 -1.58
C3 9JS B . -14.28 -10.69 -1.86
N3 9JS B . -12.26 -5.88 -2.68
C1 9JS B . -16.48 -10.83 -0.91
C2 9JS B . -15.47 -10.08 -1.46
O1 9JS B . -15.02 -14.15 -1.06
S1 9JS B . -13.27 -6.25 -1.51
O2 9JS B . -11.43 -8.90 -4.23
N4 9JS B . -10.61 -6.32 -4.15
C15 9JS B . -9.07 -3.27 -5.57
C16 9JS B . -9.68 -4.51 -5.47
C17 9JS B . -8.24 -1.14 -4.59
O3 9JS B . -7.99 -0.70 -5.72
N5 9JS B . -7.90 -0.47 -3.49
H3 9JS B . -13.36 -12.50 -2.00
H5 9JS B . -18.27 -12.47 -0.07
H6 9JS B . -17.21 -13.37 0.70
H7 9JS B . -17.67 -13.77 -0.76
H10 9JS B . -10.05 -4.57 -2.23
H11 9JS B . -9.10 -2.47 -2.42
H8 9JS B . -12.65 -10.49 -2.89
H1 9JS B . -17.27 -10.39 -0.63
H2 9JS B . -15.56 -9.15 -1.55
H4 9JS B . -15.26 -14.51 -1.81
H9 9JS B . -10.27 -6.89 -4.70
H12 9JS B . -8.84 -2.94 -6.42
H13 9JS B . -9.83 -5.02 -6.25
H14 9JS B . -8.54 -0.20 -2.92
H15 9JS B . -7.06 -0.28 -3.32
MG MG C . -7.09 -11.55 8.09
#